data_2WAB
#
_entry.id   2WAB
#
_cell.length_a   41.158
_cell.length_b   141.235
_cell.length_c   58.161
_cell.angle_alpha   90.00
_cell.angle_beta   90.00
_cell.angle_gamma   90.00
#
_symmetry.space_group_name_H-M   'P 21 21 2'
#
loop_
_entity.id
_entity.type
_entity.pdbx_description
1 polymer 'ENDOGLUCANASE E'
2 branched beta-D-glucopyranose-(1-4)-beta-D-glucopyranose-(1-4)-beta-D-glucopyranose-(1-4)-beta-D-glucopyranose-(1-4)-beta-D-glucopyranose
3 non-polymer GLYCEROL
4 non-polymer 'IODIDE ION'
5 water water
#
_entity_poly.entity_id   1
_entity_poly.type   'polypeptide(L)'
_entity_poly.pdbx_seq_one_letter_code
;MASPDEDNPGILYNGRFDFSDPNGPKCAWSGSNVELNFYGTEASVTIKSGGENWFQAIVDGNPLPPFSVNATTSTVKLVS
GLAEGAHHLVLWKRTEASLGEVQFLGFDFGSGKLLAAPKPLERKIEFIGDAITCAYGNEGTSKEQSFTPKNENSYMSYAA
ITARNLNASANMIAWSGIGLTMNYGGAPGPLIMDRYPYTLPYSGVRWDFSKYVPQVVVINLGTNDFSTSFADKTKFVTAY
KNLISEVRRNYPDAHIFCCVGPMLWGTGLDLCRSYVTEVVNDCNRSGDLKVYFVEFPQQDGSTGYGEDWHPSIATHQLMA
ERLTAEIKNKLGWLEHHHHHH
;
_entity_poly.pdbx_strand_id   A
#
loop_
_chem_comp.id
_chem_comp.type
_chem_comp.name
_chem_comp.formula
BGC D-saccharide, beta linking beta-D-glucopyranose 'C6 H12 O6'
GOL non-polymer GLYCEROL 'C3 H8 O3'
IOD non-polymer 'IODIDE ION' 'I -1'
#
# COMPACT_ATOMS: atom_id res chain seq x y z
N ASN A 8 -30.05 1.26 -4.52
CA ASN A 8 -29.50 2.29 -3.60
C ASN A 8 -28.37 1.74 -2.70
N PRO A 9 -28.65 0.73 -1.85
CA PRO A 9 -27.57 0.26 -0.98
C PRO A 9 -26.46 -0.44 -1.76
N GLY A 10 -25.22 -0.28 -1.32
CA GLY A 10 -24.13 -0.96 -1.98
C GLY A 10 -22.89 -0.79 -1.13
N ILE A 11 -21.75 -1.29 -1.64
CA ILE A 11 -20.50 -1.30 -0.89
C ILE A 11 -19.42 -0.80 -1.84
N LEU A 12 -18.48 -0.05 -1.31
CA LEU A 12 -17.36 0.43 -2.13
C LEU A 12 -16.12 -0.45 -1.78
N TYR A 13 -15.52 -1.03 -2.81
CA TYR A 13 -14.31 -1.83 -2.67
C TYR A 13 -13.15 -1.05 -3.22
N ASN A 14 -12.33 -0.53 -2.31
CA ASN A 14 -11.24 0.34 -2.65
C ASN A 14 -9.96 -0.49 -2.76
N GLY A 15 -9.52 -0.71 -3.98
CA GLY A 15 -8.30 -1.48 -4.18
C GLY A 15 -8.45 -2.34 -5.43
N ARG A 16 -7.55 -3.30 -5.60
CA ARG A 16 -7.66 -4.27 -6.70
C ARG A 16 -8.42 -5.46 -6.10
N PHE A 17 -9.68 -5.63 -6.51
CA PHE A 17 -10.53 -6.72 -6.03
C PHE A 17 -10.90 -7.59 -7.23
N ASP A 18 -11.07 -8.87 -6.97
CA ASP A 18 -11.56 -9.86 -7.94
C ASP A 18 -13.00 -10.16 -7.51
N PHE A 19 -13.94 -9.99 -8.44
CA PHE A 19 -15.33 -10.31 -8.18
C PHE A 19 -15.82 -11.59 -8.88
N SER A 20 -14.89 -12.46 -9.25
CA SER A 20 -15.27 -13.65 -10.02
CA SER A 20 -15.20 -13.71 -9.99
C SER A 20 -16.09 -14.69 -9.24
N ASP A 21 -15.93 -14.75 -7.91
CA ASP A 21 -16.67 -15.69 -7.07
C ASP A 21 -17.88 -14.97 -6.49
N PRO A 22 -19.11 -15.35 -6.92
CA PRO A 22 -20.28 -14.65 -6.38
C PRO A 22 -20.43 -14.76 -4.85
N ASN A 23 -19.70 -15.69 -4.22
CA ASN A 23 -19.73 -15.78 -2.75
C ASN A 23 -19.07 -14.61 -2.03
N GLY A 24 -18.26 -13.85 -2.75
CA GLY A 24 -17.69 -12.62 -2.18
C GLY A 24 -16.44 -12.16 -2.89
N PRO A 25 -16.22 -10.84 -2.91
CA PRO A 25 -15.05 -10.24 -3.50
C PRO A 25 -13.75 -10.69 -2.77
N LYS A 26 -12.68 -10.77 -3.53
CA LYS A 26 -11.37 -11.22 -3.02
C LYS A 26 -10.32 -10.12 -3.21
N CYS A 27 -9.33 -10.04 -2.32
CA CYS A 27 -8.25 -9.07 -2.53
C CYS A 27 -7.02 -9.62 -1.83
N ALA A 28 -5.88 -8.92 -1.97
CA ALA A 28 -4.61 -9.38 -1.38
C ALA A 28 -3.71 -8.22 -1.00
N TRP A 29 -3.66 -7.17 -1.83
CA TRP A 29 -2.67 -6.14 -1.56
C TRP A 29 -2.94 -5.39 -0.27
N SER A 30 -1.85 -4.99 0.37
CA SER A 30 -1.84 -4.11 1.51
C SER A 30 -2.86 -2.97 1.28
N GLY A 31 -3.61 -2.64 2.33
CA GLY A 31 -4.46 -1.44 2.32
C GLY A 31 -5.73 -1.59 1.51
N SER A 32 -5.96 -2.78 0.93
CA SER A 32 -7.27 -3.08 0.30
C SER A 32 -8.31 -2.81 1.39
N ASN A 33 -9.40 -2.13 1.04
CA ASN A 33 -10.34 -1.80 2.10
C ASN A 33 -11.77 -1.75 1.56
N VAL A 34 -12.72 -2.06 2.45
CA VAL A 34 -14.13 -2.08 2.13
C VAL A 34 -14.76 -0.91 2.88
N GLU A 35 -15.54 -0.10 2.16
CA GLU A 35 -16.10 1.15 2.69
C GLU A 35 -17.62 1.19 2.47
N LEU A 36 -18.36 1.48 3.54
CA LEU A 36 -19.83 1.41 3.42
C LEU A 36 -20.48 2.31 4.47
N ASN A 37 -21.75 2.58 4.23
CA ASN A 37 -22.62 3.21 5.22
C ASN A 37 -23.68 2.22 5.62
N PHE A 38 -24.03 2.22 6.90
CA PHE A 38 -25.07 1.37 7.42
C PHE A 38 -25.91 2.12 8.44
N TYR A 39 -27.15 1.69 8.59
CA TYR A 39 -28.05 2.24 9.62
C TYR A 39 -28.13 1.21 10.76
N GLY A 40 -27.97 1.64 12.01
CA GLY A 40 -28.19 0.70 13.13
C GLY A 40 -27.19 1.02 14.27
N THR A 41 -26.80 0.02 15.04
CA THR A 41 -25.92 0.28 16.19
C THR A 41 -24.67 -0.60 16.17
N GLU A 42 -24.63 -1.56 15.23
CA GLU A 42 -23.51 -2.51 15.15
C GLU A 42 -23.29 -3.05 13.74
N ALA A 43 -22.15 -3.71 13.52
CA ALA A 43 -21.90 -4.30 12.20
C ALA A 43 -20.95 -5.45 12.39
N SER A 44 -21.20 -6.53 11.65
CA SER A 44 -20.34 -7.71 11.66
C SER A 44 -20.00 -8.12 10.24
N VAL A 45 -18.92 -8.87 10.12
CA VAL A 45 -18.43 -9.29 8.79
C VAL A 45 -17.90 -10.71 8.91
N THR A 46 -17.95 -11.44 7.80
CA THR A 46 -17.37 -12.79 7.75
C THR A 46 -16.25 -12.67 6.72
N ILE A 47 -15.07 -13.16 7.09
CA ILE A 47 -13.86 -13.01 6.29
C ILE A 47 -13.23 -14.37 6.21
N LYS A 48 -12.75 -14.71 5.03
CA LYS A 48 -11.90 -15.88 4.90
C LYS A 48 -10.53 -15.38 4.54
N SER A 49 -9.50 -15.85 5.24
CA SER A 49 -8.16 -15.38 5.03
C SER A 49 -7.24 -16.58 4.83
N GLY A 50 -6.32 -16.50 3.86
CA GLY A 50 -5.44 -17.63 3.53
C GLY A 50 -4.27 -17.76 4.48
N GLY A 51 -3.98 -16.68 5.23
CA GLY A 51 -2.82 -16.70 6.16
C GLY A 51 -3.09 -15.75 7.31
N GLU A 52 -2.03 -15.29 7.99
CA GLU A 52 -2.25 -14.43 9.17
C GLU A 52 -2.45 -12.98 8.75
N ASN A 53 -3.71 -12.63 8.45
CA ASN A 53 -4.02 -11.24 8.05
C ASN A 53 -4.62 -10.50 9.23
N TRP A 54 -4.29 -9.20 9.32
CA TRP A 54 -4.83 -8.36 10.38
C TRP A 54 -5.64 -7.22 9.70
N PHE A 55 -6.67 -6.78 10.41
CA PHE A 55 -7.63 -5.79 9.94
C PHE A 55 -7.87 -4.71 10.99
N GLN A 56 -8.35 -3.56 10.53
CA GLN A 56 -8.88 -2.58 11.48
C GLN A 56 -10.13 -1.97 10.87
N ALA A 57 -11.17 -1.86 11.68
CA ALA A 57 -12.40 -1.09 11.35
C ALA A 57 -12.22 0.37 11.80
N ILE A 58 -12.54 1.32 10.92
CA ILE A 58 -12.58 2.76 11.32
C ILE A 58 -14.06 3.19 11.18
N VAL A 59 -14.71 3.53 12.31
CA VAL A 59 -16.15 3.70 12.30
C VAL A 59 -16.48 5.13 12.75
N ASP A 60 -17.18 5.87 11.90
CA ASP A 60 -17.37 7.32 12.08
C ASP A 60 -16.08 8.03 12.42
N GLY A 61 -14.99 7.66 11.74
CA GLY A 61 -13.72 8.32 11.98
C GLY A 61 -12.89 7.83 13.15
N ASN A 62 -13.44 6.89 13.92
CA ASN A 62 -12.70 6.29 15.04
C ASN A 62 -12.05 4.94 14.70
N PRO A 63 -10.69 4.87 14.71
CA PRO A 63 -10.07 3.52 14.49
C PRO A 63 -10.30 2.62 15.71
N LEU A 64 -10.69 1.36 15.48
CA LEU A 64 -10.99 0.41 16.55
C LEU A 64 -9.84 -0.58 16.68
N PRO A 65 -9.76 -1.31 17.81
CA PRO A 65 -8.61 -2.20 17.98
C PRO A 65 -8.52 -3.21 16.83
N PRO A 66 -7.33 -3.43 16.29
CA PRO A 66 -7.22 -4.34 15.13
C PRO A 66 -7.52 -5.80 15.52
N PHE A 67 -7.77 -6.64 14.53
CA PHE A 67 -8.04 -8.07 14.82
C PHE A 67 -7.51 -8.94 13.67
N SER A 68 -7.35 -10.23 13.94
CA SER A 68 -6.82 -11.09 12.90
C SER A 68 -7.80 -12.15 12.50
N VAL A 69 -7.61 -12.63 11.28
CA VAL A 69 -8.29 -13.82 10.84
C VAL A 69 -7.17 -14.65 10.21
N ASN A 70 -6.83 -15.78 10.82
CA ASN A 70 -5.59 -16.47 10.45
C ASN A 70 -5.88 -17.85 9.85
N ALA A 71 -5.79 -17.92 8.50
CA ALA A 71 -5.86 -19.20 7.76
C ALA A 71 -7.14 -19.90 8.15
N THR A 72 -8.24 -19.15 8.11
CA THR A 72 -9.53 -19.65 8.57
C THR A 72 -10.63 -18.70 8.04
N THR A 73 -11.89 -19.06 8.30
CA THR A 73 -13.02 -18.17 8.03
C THR A 73 -13.66 -17.83 9.39
N SER A 74 -13.82 -16.53 9.66
CA SER A 74 -14.36 -16.07 10.95
C SER A 74 -15.41 -14.99 10.73
N THR A 75 -16.39 -14.94 11.63
CA THR A 75 -17.37 -13.86 11.67
C THR A 75 -16.97 -13.00 12.86
N VAL A 76 -16.84 -11.70 12.65
CA VAL A 76 -16.33 -10.83 13.69
C VAL A 76 -17.32 -9.69 13.79
N LYS A 77 -17.68 -9.32 15.04
CA LYS A 77 -18.50 -8.13 15.24
C LYS A 77 -17.53 -6.91 15.26
N LEU A 78 -17.58 -6.09 14.24
CA LEU A 78 -16.60 -5.02 14.06
C LEU A 78 -16.78 -3.86 15.07
N VAL A 79 -18.05 -3.54 15.36
CA VAL A 79 -18.35 -2.40 16.23
C VAL A 79 -19.74 -2.65 16.80
N SER A 80 -20.04 -2.07 17.96
CA SER A 80 -21.38 -2.26 18.50
C SER A 80 -21.62 -1.19 19.56
N GLY A 81 -22.85 -1.11 20.06
CA GLY A 81 -23.15 -0.13 21.12
C GLY A 81 -23.19 1.28 20.59
N LEU A 82 -23.29 1.46 19.27
CA LEU A 82 -23.33 2.80 18.69
C LEU A 82 -24.72 3.43 18.91
N ALA A 83 -24.79 4.75 18.91
CA ALA A 83 -26.10 5.42 18.87
C ALA A 83 -26.83 4.94 17.59
N GLU A 84 -28.12 4.65 17.69
CA GLU A 84 -28.83 4.20 16.49
C GLU A 84 -28.93 5.31 15.45
N GLY A 85 -28.42 5.05 14.26
CA GLY A 85 -28.44 6.06 13.20
C GLY A 85 -27.60 5.55 12.05
N ALA A 86 -27.23 6.45 11.14
CA ALA A 86 -26.34 6.16 10.01
C ALA A 86 -24.87 6.26 10.45
N HIS A 87 -24.04 5.32 10.00
CA HIS A 87 -22.61 5.26 10.39
C HIS A 87 -21.77 4.91 9.16
N HIS A 88 -20.53 5.38 9.19
CA HIS A 88 -19.61 5.19 8.09
C HIS A 88 -18.55 4.19 8.57
N LEU A 89 -18.29 3.17 7.76
CA LEU A 89 -17.32 2.12 8.13
C LEU A 89 -16.26 1.95 7.03
N VAL A 90 -14.97 1.99 7.42
CA VAL A 90 -13.88 1.51 6.55
C VAL A 90 -13.30 0.25 7.19
N LEU A 91 -13.27 -0.85 6.41
CA LEU A 91 -12.61 -2.09 6.88
C LEU A 91 -11.34 -2.32 6.10
N TRP A 92 -10.19 -2.18 6.80
CA TRP A 92 -8.84 -2.06 6.18
C TRP A 92 -7.99 -3.30 6.35
N LYS A 93 -7.45 -3.81 5.26
CA LYS A 93 -6.52 -4.95 5.34
C LYS A 93 -5.12 -4.39 5.69
N ARG A 94 -4.67 -4.62 6.91
CA ARG A 94 -3.42 -4.02 7.37
C ARG A 94 -2.23 -4.68 6.70
N THR A 95 -2.33 -6.01 6.59
CA THR A 95 -1.22 -6.90 6.26
C THR A 95 -1.08 -7.10 4.73
N GLU A 96 0.14 -7.39 4.31
CA GLU A 96 0.45 -7.47 2.91
C GLU A 96 -0.01 -8.78 2.20
N ALA A 97 0.13 -8.76 0.87
CA ALA A 97 -0.35 -9.84 -0.01
C ALA A 97 0.27 -11.20 0.36
N SER A 98 1.53 -11.20 0.81
CA SER A 98 2.25 -12.45 1.06
C SER A 98 1.69 -13.20 2.27
N LEU A 99 0.92 -12.48 3.10
CA LEU A 99 0.26 -13.08 4.27
C LEU A 99 -1.10 -13.68 3.89
N GLY A 100 -1.45 -13.62 2.62
CA GLY A 100 -2.59 -14.35 2.11
C GLY A 100 -3.73 -13.52 1.55
N GLU A 101 -4.48 -14.14 0.63
CA GLU A 101 -5.65 -13.51 0.04
C GLU A 101 -6.74 -13.51 1.06
N VAL A 102 -7.69 -12.59 0.87
CA VAL A 102 -8.83 -12.39 1.75
C VAL A 102 -10.08 -12.34 0.93
N GLN A 103 -11.14 -13.01 1.39
CA GLN A 103 -12.44 -12.94 0.73
C GLN A 103 -13.46 -12.46 1.70
N PHE A 104 -14.24 -11.48 1.27
CA PHE A 104 -15.28 -10.92 2.16
C PHE A 104 -16.59 -11.60 1.79
N LEU A 105 -17.15 -12.29 2.77
CA LEU A 105 -18.25 -13.21 2.55
C LEU A 105 -19.57 -12.61 3.04
N GLY A 106 -19.56 -11.39 3.54
CA GLY A 106 -20.87 -10.70 3.74
C GLY A 106 -20.83 -9.89 5.00
N PHE A 107 -21.69 -8.86 5.09
CA PHE A 107 -21.78 -8.06 6.29
C PHE A 107 -23.16 -8.30 6.94
N ASP A 108 -23.21 -8.10 8.23
CA ASP A 108 -24.50 -8.23 8.92
C ASP A 108 -24.68 -7.04 9.83
N PHE A 109 -25.85 -6.39 9.77
CA PHE A 109 -26.05 -5.23 10.61
C PHE A 109 -27.05 -5.44 11.73
N GLY A 110 -27.24 -6.70 12.14
CA GLY A 110 -28.24 -7.00 13.17
C GLY A 110 -29.65 -6.61 12.72
N SER A 111 -30.33 -5.75 13.48
CA SER A 111 -31.64 -5.26 13.06
CA SER A 111 -31.64 -5.30 13.02
C SER A 111 -31.50 -4.12 12.06
N GLY A 112 -30.27 -3.66 11.85
CA GLY A 112 -30.03 -2.50 10.93
C GLY A 112 -29.96 -2.89 9.46
N LYS A 113 -29.41 -2.03 8.61
CA LYS A 113 -29.38 -2.29 7.17
C LYS A 113 -28.27 -1.51 6.45
N LEU A 114 -27.90 -2.01 5.29
CA LEU A 114 -26.91 -1.38 4.44
C LEU A 114 -27.54 -0.13 3.81
N LEU A 115 -26.80 0.99 3.78
CA LEU A 115 -27.24 2.20 3.09
C LEU A 115 -26.46 2.40 1.76
N ALA A 116 -26.81 3.43 0.99
CA ALA A 116 -26.06 3.76 -0.22
C ALA A 116 -24.57 4.00 0.15
N ALA A 117 -23.67 3.42 -0.65
CA ALA A 117 -22.22 3.63 -0.49
C ALA A 117 -21.73 5.05 -0.76
N PRO A 118 -20.63 5.47 -0.09
CA PRO A 118 -19.94 6.67 -0.53
C PRO A 118 -19.51 6.46 -1.98
N LYS A 119 -19.37 7.54 -2.72
CA LYS A 119 -18.75 7.49 -4.06
C LYS A 119 -17.22 7.31 -3.99
N PRO A 120 -16.62 6.65 -5.00
CA PRO A 120 -15.15 6.56 -5.02
C PRO A 120 -14.56 7.96 -5.12
N LEU A 121 -13.39 8.15 -4.53
CA LEU A 121 -12.71 9.42 -4.55
C LEU A 121 -12.20 9.65 -5.97
N GLU A 122 -12.27 10.90 -6.45
CA GLU A 122 -11.73 11.26 -7.75
C GLU A 122 -10.19 11.23 -7.84
N ARG A 123 -9.53 11.78 -6.81
CA ARG A 123 -8.08 11.72 -6.69
C ARG A 123 -7.67 10.29 -6.33
N LYS A 124 -6.72 9.80 -7.10
CA LYS A 124 -6.28 8.41 -7.00
C LYS A 124 -4.77 8.33 -7.15
N ILE A 125 -4.18 7.51 -6.29
CA ILE A 125 -2.74 7.30 -6.27
C ILE A 125 -2.47 5.80 -6.32
N GLU A 126 -1.45 5.41 -7.09
CA GLU A 126 -0.98 4.03 -6.97
C GLU A 126 0.44 4.08 -6.39
N PHE A 127 0.72 3.26 -5.37
CA PHE A 127 2.06 3.11 -4.84
C PHE A 127 2.66 1.80 -5.34
N ILE A 128 3.95 1.81 -5.71
CA ILE A 128 4.62 0.60 -6.10
C ILE A 128 5.89 0.50 -5.23
N GLY A 129 6.01 -0.57 -4.46
CA GLY A 129 7.12 -0.66 -3.54
C GLY A 129 7.32 -1.97 -2.81
N ASP A 130 8.05 -1.88 -1.69
CA ASP A 130 8.55 -3.04 -0.94
C ASP A 130 8.07 -3.03 0.53
N ALA A 131 8.84 -3.55 1.48
CA ALA A 131 8.50 -3.50 2.92
C ALA A 131 8.16 -2.09 3.40
N ILE A 132 8.80 -1.09 2.83
CA ILE A 132 8.62 0.29 3.36
C ILE A 132 7.18 0.70 3.10
N THR A 133 6.69 0.34 1.91
CA THR A 133 5.32 0.71 1.49
C THR A 133 4.30 -0.14 2.18
N CYS A 134 4.63 -1.41 2.39
CA CYS A 134 3.82 -2.33 3.22
C CYS A 134 3.69 -1.90 4.69
N ALA A 135 4.59 -1.01 5.15
CA ALA A 135 4.71 -0.63 6.57
C ALA A 135 5.04 -1.84 7.46
N TYR A 136 5.82 -2.77 6.88
CA TYR A 136 6.44 -3.86 7.66
C TYR A 136 6.98 -3.35 9.01
N GLY A 137 6.53 -3.92 10.11
CA GLY A 137 7.14 -3.60 11.40
C GLY A 137 6.96 -2.19 11.95
N ASN A 138 6.09 -1.38 11.31
CA ASN A 138 5.94 -0.01 11.78
C ASN A 138 5.40 0.13 13.20
N GLU A 139 4.76 -0.94 13.73
CA GLU A 139 4.38 -0.93 15.14
C GLU A 139 5.31 -1.77 16.03
N GLY A 140 6.39 -2.29 15.44
CA GLY A 140 7.48 -2.84 16.25
C GLY A 140 8.12 -1.70 17.02
N THR A 141 8.99 -2.02 17.97
CA THR A 141 9.52 -0.95 18.85
C THR A 141 11.05 -0.88 18.90
N SER A 142 11.74 -1.79 18.23
CA SER A 142 13.20 -1.70 18.12
CA SER A 142 13.20 -1.67 18.12
C SER A 142 13.67 -2.46 16.87
N LYS A 143 14.80 -2.03 16.32
CA LYS A 143 15.27 -2.53 15.01
C LYS A 143 15.70 -3.99 14.95
N GLU A 144 16.03 -4.57 16.10
CA GLU A 144 16.44 -5.97 16.15
CA GLU A 144 16.44 -5.96 16.16
C GLU A 144 15.24 -6.92 16.19
N GLN A 145 14.03 -6.37 16.41
CA GLN A 145 12.82 -7.22 16.45
C GLN A 145 12.53 -7.82 15.07
N SER A 146 12.07 -9.07 15.04
CA SER A 146 11.80 -9.71 13.75
C SER A 146 10.35 -9.43 13.32
N PHE A 147 10.02 -9.78 12.08
CA PHE A 147 8.66 -9.51 11.53
C PHE A 147 7.55 -10.14 12.35
N THR A 148 6.49 -9.38 12.56
CA THR A 148 5.32 -9.87 13.30
C THR A 148 4.09 -9.36 12.52
N PRO A 149 3.26 -10.27 12.02
CA PRO A 149 2.13 -9.80 11.18
C PRO A 149 1.30 -8.73 11.90
N LYS A 150 1.07 -8.90 13.19
CA LYS A 150 0.29 -7.92 13.94
C LYS A 150 0.83 -6.46 13.94
N ASN A 151 2.13 -6.30 13.77
CA ASN A 151 2.80 -5.01 13.78
C ASN A 151 2.97 -4.33 12.41
N GLU A 152 2.36 -4.91 11.37
CA GLU A 152 2.45 -4.33 10.05
C GLU A 152 1.17 -3.54 9.82
N ASN A 153 1.21 -2.26 10.17
CA ASN A 153 0.00 -1.42 10.13
C ASN A 153 0.05 -0.51 8.91
N SER A 154 -0.42 -1.03 7.75
CA SER A 154 -0.35 -0.21 6.54
C SER A 154 -1.32 0.99 6.58
N TYR A 155 -2.27 1.02 7.53
CA TYR A 155 -3.13 2.19 7.63
C TYR A 155 -2.28 3.42 8.07
N MET A 156 -1.18 3.17 8.75
CA MET A 156 -0.23 4.23 9.15
C MET A 156 1.08 4.12 8.33
N SER A 157 0.98 3.58 7.11
CA SER A 157 2.09 3.71 6.15
CA SER A 157 2.06 3.71 6.13
C SER A 157 2.14 5.16 5.65
N TYR A 158 3.34 5.61 5.29
CA TYR A 158 3.46 6.91 4.64
C TYR A 158 2.50 7.03 3.45
N ALA A 159 2.28 5.92 2.73
CA ALA A 159 1.37 5.91 1.60
C ALA A 159 -0.07 6.25 1.99
N ALA A 160 -0.61 5.49 2.96
CA ALA A 160 -1.99 5.70 3.40
C ALA A 160 -2.20 7.07 4.01
N ILE A 161 -1.21 7.55 4.76
CA ILE A 161 -1.32 8.85 5.42
C ILE A 161 -1.39 9.96 4.35
N THR A 162 -0.56 9.83 3.33
CA THR A 162 -0.49 10.82 2.25
C THR A 162 -1.82 10.85 1.47
N ALA A 163 -2.33 9.67 1.19
CA ALA A 163 -3.63 9.55 0.52
C ALA A 163 -4.70 10.23 1.36
N ARG A 164 -4.75 9.96 2.68
CA ARG A 164 -5.77 10.67 3.51
C ARG A 164 -5.49 12.20 3.53
N ASN A 165 -4.24 12.64 3.61
CA ASN A 165 -3.92 14.06 3.51
C ASN A 165 -4.54 14.71 2.27
N LEU A 166 -4.45 14.00 1.15
CA LEU A 166 -4.86 14.52 -0.14
C LEU A 166 -6.31 14.21 -0.49
N ASN A 167 -7.05 13.56 0.43
CA ASN A 167 -8.38 13.08 0.17
C ASN A 167 -8.40 12.22 -1.12
N ALA A 168 -7.40 11.35 -1.23
CA ALA A 168 -7.27 10.49 -2.43
C ALA A 168 -7.41 9.02 -2.01
N SER A 169 -7.84 8.15 -2.93
CA SER A 169 -7.72 6.72 -2.68
C SER A 169 -6.32 6.29 -3.08
N ALA A 170 -5.90 5.12 -2.58
CA ALA A 170 -4.59 4.58 -2.95
C ALA A 170 -4.68 3.08 -3.12
N ASN A 171 -3.99 2.58 -4.13
CA ASN A 171 -3.77 1.15 -4.25
C ASN A 171 -2.30 0.94 -3.92
N MET A 172 -2.03 0.02 -3.00
CA MET A 172 -0.67 -0.17 -2.47
CA MET A 172 -0.68 -0.20 -2.46
C MET A 172 -0.09 -1.48 -3.02
N ILE A 173 0.57 -1.38 -4.15
CA ILE A 173 1.09 -2.56 -4.84
C ILE A 173 2.54 -2.78 -4.38
N ALA A 174 2.67 -3.50 -3.29
CA ALA A 174 3.99 -3.56 -2.61
C ALA A 174 4.14 -4.90 -1.97
N TRP A 175 5.38 -5.30 -1.73
CA TRP A 175 5.67 -6.67 -1.32
C TRP A 175 7.02 -6.67 -0.58
N SER A 176 7.02 -7.08 0.69
CA SER A 176 8.25 -6.91 1.51
C SER A 176 9.35 -7.79 0.92
N GLY A 177 10.55 -7.23 0.80
CA GLY A 177 11.72 -7.97 0.28
C GLY A 177 11.85 -7.88 -1.22
N ILE A 178 10.85 -7.30 -1.91
CA ILE A 178 10.89 -7.31 -3.37
C ILE A 178 11.84 -6.25 -3.97
N GLY A 179 12.54 -6.60 -5.04
CA GLY A 179 13.32 -5.54 -5.71
C GLY A 179 13.04 -5.42 -7.20
N LEU A 180 13.80 -4.54 -7.87
CA LEU A 180 13.77 -4.41 -9.32
C LEU A 180 14.66 -5.45 -10.00
N THR A 181 15.85 -5.71 -9.43
CA THR A 181 16.81 -6.66 -10.05
C THR A 181 17.00 -7.90 -9.22
N MET A 182 16.66 -7.80 -7.92
CA MET A 182 16.88 -8.92 -7.01
C MET A 182 15.97 -8.65 -5.82
N ASN A 183 15.71 -9.71 -5.09
CA ASN A 183 14.98 -9.60 -3.82
C ASN A 183 15.96 -9.54 -2.67
N TYR A 184 15.45 -9.29 -1.46
CA TYR A 184 16.36 -9.13 -0.31
C TYR A 184 17.32 -10.32 -0.18
N GLY A 185 18.61 -10.02 0.02
CA GLY A 185 19.62 -11.07 0.11
C GLY A 185 19.74 -12.05 -1.06
N GLY A 186 19.29 -11.66 -2.25
CA GLY A 186 19.40 -12.51 -3.44
C GLY A 186 18.37 -13.63 -3.49
N ALA A 187 17.35 -13.55 -2.61
CA ALA A 187 16.31 -14.59 -2.52
C ALA A 187 15.67 -14.81 -3.87
N PRO A 188 15.56 -16.10 -4.31
CA PRO A 188 14.96 -16.38 -5.63
C PRO A 188 13.46 -16.01 -5.67
N GLY A 189 12.87 -15.88 -6.85
CA GLY A 189 11.46 -15.56 -6.91
C GLY A 189 11.08 -14.35 -7.74
N PRO A 190 9.77 -14.15 -7.93
CA PRO A 190 9.33 -13.04 -8.78
C PRO A 190 9.90 -11.72 -8.28
N LEU A 191 10.16 -10.82 -9.22
CA LEU A 191 10.55 -9.48 -8.85
C LEU A 191 9.32 -8.58 -9.04
N ILE A 192 9.50 -7.27 -8.82
CA ILE A 192 8.31 -6.38 -8.80
C ILE A 192 7.48 -6.43 -10.08
N MET A 193 8.14 -6.38 -11.26
CA MET A 193 7.44 -6.39 -12.54
CA MET A 193 7.39 -6.34 -12.50
C MET A 193 6.65 -7.66 -12.74
N ASP A 194 7.11 -8.72 -12.08
CA ASP A 194 6.42 -10.00 -12.18
C ASP A 194 5.09 -9.98 -11.44
N ARG A 195 5.05 -9.24 -10.32
CA ARG A 195 3.86 -9.28 -9.47
C ARG A 195 2.89 -8.14 -9.76
N TYR A 196 3.44 -7.05 -10.26
CA TYR A 196 2.68 -5.82 -10.56
C TYR A 196 1.40 -5.99 -11.40
N PRO A 197 1.38 -6.98 -12.33
CA PRO A 197 0.15 -7.13 -13.15
C PRO A 197 -1.01 -7.82 -12.45
N TYR A 198 -0.86 -8.25 -11.19
CA TYR A 198 -1.89 -9.05 -10.54
C TYR A 198 -2.84 -8.35 -9.58
N THR A 199 -4.09 -8.79 -9.64
CA THR A 199 -5.06 -8.59 -8.53
C THR A 199 -4.72 -9.49 -7.35
N LEU A 200 -4.50 -10.78 -7.65
CA LEU A 200 -4.29 -11.80 -6.65
C LEU A 200 -3.02 -12.56 -7.02
N PRO A 201 -1.88 -12.17 -6.43
CA PRO A 201 -0.57 -12.65 -6.92
C PRO A 201 -0.33 -14.10 -6.60
N TYR A 202 -1.07 -14.69 -5.68
CA TYR A 202 -0.88 -16.11 -5.41
C TYR A 202 -1.77 -17.00 -6.25
N SER A 203 -2.87 -16.47 -6.74
CA SER A 203 -3.86 -17.31 -7.44
C SER A 203 -4.07 -16.90 -8.89
N GLY A 204 -3.18 -16.02 -9.39
CA GLY A 204 -3.02 -15.80 -10.82
C GLY A 204 -4.12 -14.96 -11.46
N VAL A 205 -4.83 -14.19 -10.65
CA VAL A 205 -5.88 -13.33 -11.24
C VAL A 205 -5.22 -12.01 -11.66
N ARG A 206 -5.23 -11.74 -12.96
CA ARG A 206 -4.64 -10.50 -13.51
C ARG A 206 -5.54 -9.28 -13.35
N TRP A 207 -4.93 -8.12 -13.11
CA TRP A 207 -5.66 -6.85 -12.92
C TRP A 207 -5.99 -6.17 -14.27
N ASP A 208 -7.22 -5.64 -14.36
CA ASP A 208 -7.57 -4.79 -15.49
C ASP A 208 -7.18 -3.35 -15.17
N PHE A 209 -6.05 -2.89 -15.74
CA PHE A 209 -5.51 -1.55 -15.45
C PHE A 209 -6.45 -0.39 -15.85
N SER A 210 -7.41 -0.66 -16.73
CA SER A 210 -8.35 0.40 -17.14
C SER A 210 -9.31 0.74 -16.00
N LYS A 211 -9.37 -0.12 -14.98
CA LYS A 211 -10.34 0.08 -13.90
C LYS A 211 -9.95 1.18 -12.90
N TYR A 212 -8.65 1.50 -12.84
CA TYR A 212 -8.17 2.49 -11.87
C TYR A 212 -7.03 3.24 -12.49
N VAL A 213 -7.32 4.46 -12.91
CA VAL A 213 -6.24 5.23 -13.55
C VAL A 213 -5.78 6.36 -12.64
N PRO A 214 -4.65 6.19 -11.93
CA PRO A 214 -4.31 7.23 -10.99
C PRO A 214 -3.72 8.49 -11.65
N GLN A 215 -3.93 9.65 -11.04
CA GLN A 215 -3.20 10.84 -11.45
C GLN A 215 -1.75 10.85 -10.91
N VAL A 216 -1.49 10.03 -9.90
CA VAL A 216 -0.18 10.03 -9.23
C VAL A 216 0.28 8.59 -9.07
N VAL A 217 1.54 8.32 -9.42
CA VAL A 217 2.13 7.03 -9.13
C VAL A 217 3.38 7.30 -8.27
N VAL A 218 3.50 6.60 -7.14
CA VAL A 218 4.67 6.79 -6.25
C VAL A 218 5.43 5.47 -6.23
N ILE A 219 6.70 5.50 -6.69
CA ILE A 219 7.51 4.31 -6.75
C ILE A 219 8.56 4.40 -5.64
N ASN A 220 8.62 3.42 -4.73
CA ASN A 220 9.76 3.37 -3.75
C ASN A 220 10.34 1.96 -3.76
N LEU A 221 11.26 1.75 -4.70
CA LEU A 221 11.93 0.48 -4.89
C LEU A 221 13.43 0.69 -4.93
N GLY A 222 14.17 -0.38 -4.62
CA GLY A 222 15.63 -0.34 -4.72
C GLY A 222 16.37 -0.64 -3.43
N THR A 223 15.71 -0.46 -2.28
CA THR A 223 16.32 -0.85 -1.01
C THR A 223 16.84 -2.29 -1.09
N ASN A 224 16.08 -3.20 -1.68
CA ASN A 224 16.54 -4.60 -1.75
C ASN A 224 17.63 -4.87 -2.78
N ASP A 225 17.68 -3.99 -3.77
CA ASP A 225 18.73 -4.01 -4.79
C ASP A 225 20.07 -3.45 -4.27
N PHE A 226 20.05 -2.75 -3.14
CA PHE A 226 21.30 -2.17 -2.57
C PHE A 226 21.55 -2.44 -1.09
N SER A 227 20.78 -3.32 -0.45
CA SER A 227 20.94 -3.45 1.00
C SER A 227 21.97 -4.53 1.41
N THR A 228 22.34 -5.41 0.47
CA THR A 228 23.35 -6.42 0.74
C THR A 228 24.40 -6.34 -0.38
N SER A 229 24.10 -6.93 -1.53
CA SER A 229 24.94 -6.76 -2.70
C SER A 229 24.48 -5.51 -3.46
N PHE A 230 25.35 -4.86 -4.21
CA PHE A 230 24.92 -3.66 -4.88
C PHE A 230 24.55 -4.10 -6.30
N ALA A 231 23.34 -3.77 -6.74
CA ALA A 231 22.92 -4.11 -8.10
C ALA A 231 23.78 -3.38 -9.14
N ASP A 232 23.98 -4.08 -10.25
CA ASP A 232 24.70 -3.53 -11.39
C ASP A 232 23.91 -2.34 -11.94
N LYS A 233 24.60 -1.24 -12.23
CA LYS A 233 23.98 0.01 -12.61
C LYS A 233 23.13 -0.11 -13.87
N THR A 234 23.69 -0.72 -14.90
CA THR A 234 22.94 -0.91 -16.13
C THR A 234 21.69 -1.77 -15.91
N LYS A 235 21.84 -2.87 -15.18
CA LYS A 235 20.73 -3.73 -14.86
C LYS A 235 19.67 -2.98 -14.05
N PHE A 236 20.10 -2.20 -13.06
CA PHE A 236 19.16 -1.46 -12.22
C PHE A 236 18.44 -0.34 -12.97
N VAL A 237 19.19 0.48 -13.69
CA VAL A 237 18.64 1.58 -14.48
C VAL A 237 17.62 1.06 -15.54
N THR A 238 17.96 -0.04 -16.18
CA THR A 238 17.15 -0.65 -17.22
C THR A 238 15.84 -1.22 -16.66
N ALA A 239 15.93 -1.89 -15.50
CA ALA A 239 14.76 -2.39 -14.79
C ALA A 239 13.85 -1.24 -14.38
N TYR A 240 14.46 -0.14 -13.92
CA TYR A 240 13.66 0.99 -13.41
C TYR A 240 12.93 1.66 -14.61
N LYS A 241 13.66 1.89 -15.70
CA LYS A 241 13.04 2.46 -16.90
C LYS A 241 11.94 1.56 -17.47
N ASN A 242 12.15 0.25 -17.43
CA ASN A 242 11.12 -0.71 -17.83
C ASN A 242 9.82 -0.62 -17.00
N LEU A 243 9.97 -0.44 -15.70
CA LEU A 243 8.80 -0.24 -14.83
C LEU A 243 8.11 1.05 -15.19
N ILE A 244 8.87 2.13 -15.33
CA ILE A 244 8.26 3.40 -15.75
C ILE A 244 7.52 3.27 -17.08
N SER A 245 8.08 2.49 -18.01
CA SER A 245 7.44 2.30 -19.31
CA SER A 245 7.44 2.32 -19.31
C SER A 245 6.09 1.62 -19.20
N GLU A 246 6.01 0.65 -18.28
CA GLU A 246 4.77 -0.10 -18.07
C GLU A 246 3.71 0.79 -17.43
N VAL A 247 4.12 1.57 -16.43
CA VAL A 247 3.22 2.50 -15.76
C VAL A 247 2.68 3.48 -16.81
N ARG A 248 3.59 4.03 -17.62
CA ARG A 248 3.28 5.00 -18.66
C ARG A 248 2.33 4.36 -19.70
N ARG A 249 2.55 3.09 -20.03
CA ARG A 249 1.65 2.38 -20.93
C ARG A 249 0.21 2.33 -20.42
N ASN A 250 0.03 2.03 -19.13
CA ASN A 250 -1.32 2.00 -18.52
C ASN A 250 -1.87 3.38 -18.15
N TYR A 251 -0.99 4.31 -17.73
CA TYR A 251 -1.41 5.64 -17.32
C TYR A 251 -0.58 6.71 -17.98
N PRO A 252 -0.88 7.02 -19.26
CA PRO A 252 -0.05 7.94 -20.03
C PRO A 252 0.11 9.29 -19.38
N ASP A 253 -0.88 9.72 -18.56
CA ASP A 253 -0.91 11.05 -17.96
C ASP A 253 -0.50 11.14 -16.45
N ALA A 254 -0.15 10.01 -15.83
CA ALA A 254 0.15 10.02 -14.40
C ALA A 254 1.41 10.84 -14.13
N HIS A 255 1.45 11.48 -12.97
CA HIS A 255 2.66 12.13 -12.47
C HIS A 255 3.40 11.04 -11.65
N ILE A 256 4.66 10.74 -12.00
CA ILE A 256 5.37 9.57 -11.43
C ILE A 256 6.50 10.07 -10.51
N PHE A 257 6.39 9.71 -9.22
CA PHE A 257 7.38 10.11 -8.22
C PHE A 257 8.29 8.95 -7.89
N CYS A 258 9.56 9.12 -8.22
CA CYS A 258 10.59 8.12 -8.00
C CYS A 258 11.36 8.43 -6.71
N CYS A 259 11.16 7.58 -5.71
CA CYS A 259 11.58 7.86 -4.37
C CYS A 259 12.75 7.00 -3.87
N VAL A 260 13.57 7.64 -3.06
CA VAL A 260 14.70 6.99 -2.43
C VAL A 260 14.73 7.34 -0.95
N GLY A 261 14.80 6.30 -0.11
CA GLY A 261 14.85 6.46 1.33
C GLY A 261 13.65 5.80 2.01
N PRO A 262 13.70 5.72 3.35
CA PRO A 262 14.75 6.26 4.21
C PRO A 262 15.67 5.16 4.82
N MET A 263 15.67 3.97 4.23
CA MET A 263 16.40 2.86 4.85
C MET A 263 17.79 2.55 4.22
N LEU A 264 18.03 3.03 3.01
CA LEU A 264 19.38 2.90 2.45
C LEU A 264 20.35 3.80 3.20
N TRP A 265 21.62 3.39 3.23
CA TRP A 265 22.64 4.12 3.95
C TRP A 265 23.93 3.96 3.18
N GLY A 266 24.88 4.86 3.45
CA GLY A 266 26.25 4.68 2.95
C GLY A 266 26.28 4.60 1.45
N THR A 267 27.09 3.68 0.93
CA THR A 267 27.34 3.61 -0.51
C THR A 267 26.09 3.06 -1.23
N GLY A 268 25.34 2.16 -0.60
CA GLY A 268 24.08 1.70 -1.22
C GLY A 268 23.14 2.88 -1.49
N LEU A 269 23.07 3.81 -0.53
CA LEU A 269 22.27 5.02 -0.69
C LEU A 269 22.86 5.91 -1.79
N ASP A 270 24.19 6.15 -1.75
CA ASP A 270 24.80 6.98 -2.82
C ASP A 270 24.54 6.42 -4.23
N LEU A 271 24.69 5.12 -4.39
CA LEU A 271 24.50 4.53 -5.72
C LEU A 271 23.03 4.59 -6.15
N CYS A 272 22.13 4.14 -5.27
CA CYS A 272 20.71 4.14 -5.61
C CYS A 272 20.21 5.55 -5.94
N ARG A 273 20.58 6.54 -5.12
CA ARG A 273 20.23 7.93 -5.37
C ARG A 273 20.70 8.40 -6.76
N SER A 274 21.98 8.22 -6.99
CA SER A 274 22.58 8.51 -8.29
C SER A 274 21.82 7.81 -9.45
N TYR A 275 21.53 6.52 -9.31
CA TYR A 275 20.91 5.80 -10.42
C TYR A 275 19.47 6.26 -10.66
N VAL A 276 18.74 6.51 -9.58
CA VAL A 276 17.33 6.88 -9.73
C VAL A 276 17.29 8.30 -10.27
N THR A 277 18.22 9.14 -9.83
CA THR A 277 18.29 10.51 -10.31
C THR A 277 18.53 10.53 -11.82
N GLU A 278 19.37 9.60 -12.24
CA GLU A 278 19.74 9.49 -13.63
C GLU A 278 18.53 9.03 -14.43
N VAL A 279 17.74 8.12 -13.86
CA VAL A 279 16.55 7.62 -14.53
C VAL A 279 15.55 8.76 -14.72
N VAL A 280 15.36 9.55 -13.68
CA VAL A 280 14.42 10.67 -13.73
C VAL A 280 14.92 11.72 -14.75
N ASN A 281 16.21 12.05 -14.66
CA ASN A 281 16.84 13.01 -15.59
C ASN A 281 16.69 12.59 -17.05
N ASP A 282 16.86 11.30 -17.32
CA ASP A 282 16.78 10.73 -18.65
C ASP A 282 15.37 10.85 -19.23
N CYS A 283 14.38 10.51 -18.40
CA CYS A 283 12.96 10.65 -18.78
C CYS A 283 12.64 12.09 -19.10
N ASN A 284 13.10 13.00 -18.24
CA ASN A 284 12.84 14.42 -18.34
C ASN A 284 13.44 15.00 -19.61
N ARG A 285 14.67 14.57 -19.97
CA ARG A 285 15.33 15.04 -21.19
C ARG A 285 14.69 14.40 -22.43
N SER A 286 14.05 13.26 -22.24
CA SER A 286 13.30 12.62 -23.30
C SER A 286 11.94 13.29 -23.59
N GLY A 287 11.64 14.39 -22.90
CA GLY A 287 10.32 15.05 -23.05
C GLY A 287 9.23 14.73 -22.01
N ASP A 288 9.34 13.58 -21.33
CA ASP A 288 8.42 13.24 -20.21
C ASP A 288 8.77 14.01 -18.95
N LEU A 289 8.14 15.19 -18.78
CA LEU A 289 8.43 16.06 -17.70
C LEU A 289 7.65 15.71 -16.43
N LYS A 290 6.86 14.64 -16.48
CA LYS A 290 5.98 14.30 -15.34
C LYS A 290 6.52 13.05 -14.64
N VAL A 291 7.85 13.07 -14.46
CA VAL A 291 8.63 12.04 -13.74
C VAL A 291 9.50 12.87 -12.81
N TYR A 292 9.42 12.59 -11.50
CA TYR A 292 10.09 13.39 -10.49
C TYR A 292 10.94 12.54 -9.55
N PHE A 293 11.93 13.16 -8.96
CA PHE A 293 12.76 12.47 -7.97
C PHE A 293 12.38 13.01 -6.61
N VAL A 294 12.20 12.09 -5.63
CA VAL A 294 11.99 12.46 -4.24
C VAL A 294 12.95 11.68 -3.32
N GLU A 295 13.59 12.38 -2.38
CA GLU A 295 14.39 11.68 -1.37
C GLU A 295 13.87 11.87 0.04
N PHE A 296 13.64 10.74 0.71
CA PHE A 296 13.28 10.77 2.11
C PHE A 296 14.62 10.64 2.85
N PRO A 297 14.98 11.69 3.62
CA PRO A 297 16.27 11.65 4.36
C PRO A 297 16.40 10.34 5.16
N GLN A 298 17.61 9.80 5.18
CA GLN A 298 17.88 8.58 5.90
C GLN A 298 17.42 8.70 7.35
N GLN A 299 16.80 7.63 7.90
CA GLN A 299 16.36 7.71 9.27
C GLN A 299 17.62 7.66 10.15
N ASP A 300 17.57 8.39 11.26
CA ASP A 300 18.75 8.64 12.07
C ASP A 300 18.61 8.22 13.52
N GLY A 301 17.56 7.47 13.83
CA GLY A 301 17.28 7.01 15.17
C GLY A 301 16.39 7.90 16.01
N SER A 302 16.29 9.19 15.66
CA SER A 302 15.52 10.16 16.48
C SER A 302 14.00 9.95 16.52
N THR A 303 13.46 9.20 15.55
CA THR A 303 12.06 8.78 15.62
C THR A 303 11.98 7.26 15.80
N GLY A 304 13.08 6.65 16.22
CA GLY A 304 13.04 5.21 16.58
C GLY A 304 13.08 4.35 15.33
N TYR A 305 12.91 3.05 15.54
CA TYR A 305 12.87 2.08 14.42
C TYR A 305 11.79 1.06 14.69
N GLY A 306 11.21 0.55 13.60
CA GLY A 306 10.35 -0.63 13.67
C GLY A 306 11.15 -1.91 13.43
N GLU A 307 10.42 -3.01 13.28
CA GLU A 307 11.06 -4.33 13.13
C GLU A 307 12.05 -4.36 11.96
N ASP A 308 13.23 -4.94 12.21
CA ASP A 308 14.26 -5.16 11.17
C ASP A 308 14.66 -3.84 10.50
N TRP A 309 14.67 -2.76 11.29
CA TRP A 309 15.06 -1.42 10.87
C TRP A 309 14.03 -0.65 10.04
N HIS A 310 12.84 -1.24 9.79
CA HIS A 310 11.86 -0.60 8.94
C HIS A 310 11.25 0.59 9.66
N PRO A 311 10.71 1.55 8.89
CA PRO A 311 10.33 2.79 9.57
C PRO A 311 9.21 2.65 10.64
N SER A 312 9.41 3.38 11.74
CA SER A 312 8.38 3.51 12.77
C SER A 312 7.25 4.34 12.19
N ILE A 313 6.10 4.33 12.88
CA ILE A 313 4.98 5.20 12.47
C ILE A 313 5.44 6.64 12.42
N ALA A 314 6.28 7.07 13.37
CA ALA A 314 6.72 8.45 13.38
C ALA A 314 7.52 8.78 12.11
N THR A 315 8.33 7.83 11.66
CA THR A 315 9.07 8.07 10.44
C THR A 315 8.13 8.09 9.21
N HIS A 316 7.16 7.18 9.21
CA HIS A 316 6.12 7.18 8.17
C HIS A 316 5.42 8.55 8.09
N GLN A 317 5.14 9.14 9.24
CA GLN A 317 4.41 10.42 9.26
C GLN A 317 5.29 11.53 8.67
N LEU A 318 6.57 11.56 9.00
CA LEU A 318 7.53 12.49 8.35
C LEU A 318 7.56 12.29 6.82
N MET A 319 7.68 11.04 6.39
CA MET A 319 7.69 10.73 4.96
C MET A 319 6.41 11.27 4.27
N ALA A 320 5.27 11.09 4.95
CA ALA A 320 3.96 11.48 4.40
C ALA A 320 3.92 13.00 4.32
N GLU A 321 4.47 13.71 5.31
CA GLU A 321 4.52 15.17 5.31
CA GLU A 321 4.38 15.15 5.23
C GLU A 321 5.23 15.63 4.04
N ARG A 322 6.39 15.00 3.80
CA ARG A 322 7.24 15.35 2.65
C ARG A 322 6.59 15.03 1.28
N LEU A 323 6.06 13.80 1.16
CA LEU A 323 5.42 13.34 -0.06
C LEU A 323 4.13 14.10 -0.38
N THR A 324 3.30 14.40 0.63
CA THR A 324 2.13 15.26 0.47
C THR A 324 2.54 16.62 -0.13
N ALA A 325 3.63 17.22 0.40
CA ALA A 325 4.10 18.52 -0.10
C ALA A 325 4.57 18.40 -1.55
N GLU A 326 5.29 17.32 -1.87
CA GLU A 326 5.78 17.12 -3.23
C GLU A 326 4.63 16.96 -4.22
N ILE A 327 3.65 16.13 -3.85
CA ILE A 327 2.45 15.95 -4.71
C ILE A 327 1.69 17.25 -4.86
N LYS A 328 1.46 17.99 -3.77
CA LYS A 328 0.75 19.27 -3.84
C LYS A 328 1.45 20.25 -4.78
N ASN A 329 2.77 20.33 -4.69
CA ASN A 329 3.55 21.17 -5.56
C ASN A 329 3.36 20.80 -7.05
N LYS A 330 3.54 19.53 -7.40
CA LYS A 330 3.49 19.16 -8.81
C LYS A 330 2.08 19.08 -9.42
N LEU A 331 1.08 18.71 -8.62
CA LEU A 331 -0.28 18.51 -9.17
C LEU A 331 -1.16 19.74 -8.91
N GLY A 332 -0.74 20.58 -7.97
CA GLY A 332 -1.58 21.68 -7.55
C GLY A 332 -2.78 21.25 -6.72
N TRP A 333 -2.69 20.09 -6.06
CA TRP A 333 -3.76 19.57 -5.20
C TRP A 333 -3.88 20.25 -3.83
N LEU A 334 -5.00 20.94 -3.63
CA LEU A 334 -5.26 21.83 -2.49
C LEU A 334 -4.53 23.16 -2.70
C2 BGC B . 23.49 3.54 9.45
C3 BGC B . 22.75 2.21 9.67
C4 BGC B . 23.60 1.09 9.08
C5 BGC B . 25.03 1.10 9.61
C6 BGC B . 25.88 0.12 8.82
C1 BGC B . 24.91 3.44 10.03
O1 BGC B . 25.66 4.55 9.59
O2 BGC B . 22.73 4.55 10.05
O3 BGC B . 21.47 2.23 9.03
O4 BGC B . 22.99 -0.17 9.58
O5 BGC B . 25.58 2.37 9.42
O6 BGC B . 27.04 -0.09 9.57
C2 BGC B . 22.11 -2.40 9.30
C3 BGC B . 21.29 -3.22 8.30
C4 BGC B . 19.96 -2.50 7.89
C5 BGC B . 20.19 -1.03 7.54
C6 BGC B . 18.88 -0.24 7.48
C1 BGC B . 22.26 -1.01 8.71
O2 BGC B . 23.41 -2.95 9.48
O3 BGC B . 21.10 -4.52 8.85
O4 BGC B . 19.44 -3.13 6.70
O5 BGC B . 20.98 -0.40 8.56
O6 BGC B . 19.16 1.12 7.19
C2 BGC B . 17.55 -4.10 5.73
C3 BGC B . 16.30 -4.90 6.01
C4 BGC B . 16.73 -6.17 6.73
C5 BGC B . 17.61 -5.90 7.98
C6 BGC B . 18.13 -7.24 8.57
C1 BGC B . 18.32 -3.89 7.02
O2 BGC B . 17.17 -2.86 5.18
O3 BGC B . 15.70 -5.21 4.75
O4 BGC B . 15.70 -7.10 7.15
O5 BGC B . 18.72 -5.13 7.60
O6 BGC B . 18.74 -6.97 9.81
C2 BGC B . 14.54 -9.10 7.04
C3 BGC B . 13.97 -10.03 6.02
C4 BGC B . 12.92 -9.32 5.17
C5 BGC B . 13.39 -7.99 4.52
C6 BGC B . 12.24 -7.10 3.92
C1 BGC B . 15.06 -7.94 6.23
O2 BGC B . 15.58 -9.76 7.74
O3 BGC B . 13.46 -11.12 6.74
O4 BGC B . 12.71 -10.32 4.23
O5 BGC B . 14.05 -7.26 5.53
O6 BGC B . 12.54 -5.66 3.77
C2 BGC B . 11.41 -11.54 2.71
C2 BGC B . 11.30 -11.83 3.02
C3 BGC B . 10.00 -11.80 2.18
C3 BGC B . 9.83 -12.08 2.70
C4 BGC B . 9.10 -12.20 3.35
C4 BGC B . 9.05 -12.30 4.00
C5 BGC B . 9.09 -11.04 4.36
C5 BGC B . 9.30 -11.16 4.97
C6 BGC B . 8.10 -11.28 5.50
C6 BGC B . 8.53 -11.38 6.26
C1 BGC B . 11.34 -10.47 3.79
C1 BGC B . 11.34 -10.69 4.03
O2 BGC B . 12.30 -11.17 1.66
O2 BGC B . 12.07 -11.50 1.88
O3 BGC B . 10.01 -12.83 1.22
O3 BGC B . 9.64 -13.18 1.82
O4 BGC B . 7.81 -12.50 2.83
O4 BGC B . 7.66 -12.33 3.73
O5 BGC B . 10.42 -10.86 4.82
O5 BGC B . 10.69 -11.13 5.21
O6 BGC B . 6.93 -10.49 5.31
O6 BGC B . 8.64 -12.74 6.60
C1 GOL C . -17.36 12.37 12.05
C2 GOL C . -18.59 11.71 12.66
O2 GOL C . -19.06 10.79 11.68
C3 GOL C . -19.62 12.82 12.90
O3 GOL C . -19.43 13.45 14.17
C1 GOL D . 13.62 12.03 8.06
O1 GOL D . 13.83 12.61 9.34
C2 GOL D . 13.45 10.54 8.29
O2 GOL D . 12.81 10.37 9.54
C3 GOL D . 12.49 9.97 7.24
O3 GOL D . 12.83 10.41 5.94
C1 GOL E . 10.89 -12.79 -2.00
O1 GOL E . 10.88 -11.93 -0.88
C2 GOL E . 9.57 -12.60 -2.75
O2 GOL E . 9.14 -13.84 -3.32
C3 GOL E . 9.55 -11.42 -3.72
O3 GOL E . 8.58 -11.64 -4.74
C1 GOL F . -3.99 2.99 15.20
O1 GOL F . -4.75 1.83 15.46
C2 GOL F . -4.86 3.90 14.39
O2 GOL F . -4.82 5.24 14.88
C3 GOL F . -4.38 3.80 12.96
O3 GOL F . -4.07 2.46 12.62
C1 GOL G . -21.95 9.61 11.88
O1 GOL G . -22.68 8.73 12.72
C2 GOL G . -21.79 9.02 10.48
O2 GOL G . -20.45 9.13 10.04
C3 GOL G . -22.76 9.64 9.48
O3 GOL G . -22.40 9.37 8.16
C1 GOL H . -13.66 -4.35 16.24
C1 GOL H . -13.70 -5.64 16.83
O1 GOL H . -13.34 -4.16 14.90
O1 GOL H . -12.96 -5.02 15.79
C2 GOL H . -13.31 -5.75 16.78
C2 GOL H . -12.86 -6.46 17.82
O2 GOL H . -13.53 -6.80 15.88
O2 GOL H . -12.77 -7.80 17.41
C3 GOL H . -11.90 -5.63 17.31
C3 GOL H . -11.45 -5.91 18.00
O3 GOL H . -11.84 -4.26 17.64
O3 GOL H . -10.69 -6.90 18.63
I IOD I . -3.62 -17.54 -0.06
I IOD J . -19.07 -8.15 1.02
I IOD K . -10.57 17.30 -2.97
I IOD L . 19.13 -0.90 3.95
I IOD M . 11.10 12.33 5.23
I IOD N . -4.02 14.91 -16.00
#